data_7O2E
#
_entry.id   7O2E
#
_cell.length_a   63.930
_cell.length_b   63.930
_cell.length_c   224.600
_cell.angle_alpha   90.000
_cell.angle_beta   90.000
_cell.angle_gamma   120.000
#
_symmetry.space_group_name_H-M   'P 32 2 1'
#
loop_
_entity.id
_entity.type
_entity.pdbx_description
1 polymer 'N6-adenosine-methyltransferase catalytic subunit'
2 polymer 'N6-adenosine-methyltransferase non-catalytic subunit'
3 non-polymer 4-[4-[(4,4-dimethylpiperidin-1-yl)methyl]-3-fluoranyl-phenyl]-9-[6-(methylamino)pyrimidin-4-yl]-1,4,9-triazaspiro[5.5]undecan-2-one
4 non-polymer 'ACETATE ION'
5 water water
#
loop_
_entity_poly.entity_id
_entity_poly.type
_entity_poly.pdbx_seq_one_letter_code
_entity_poly.pdbx_strand_id
1 'polypeptide(L)'
;MGHHHHHHSSGRENLYFQGALTQSVGGDSSADRLFPPQWICCDIRYLDVSILGKFAVVMADPPWDIHMELPYGTLTDDEM
RRLNIPVLQDDGFLFLWVTGRAMELGRECLNLWGYERVDEIIWVKTNQLQRIIRTGRTGHWLNHGKEHCLVGVKGNPQGF
NQGLDCDVIVAEVRSTSHKPDEIYGMIERLSPGTRKIELFGRPHNVQPNWITLGNQLDGIHLLDPDVVARFKQRYPDGII
SKPKNL
;
A
2 'polypeptide(L)'
;MLKGTQSLNPHNDYCQHFVDTGHRPQNFIRDVGLADRFEEYPKLRELIRLKDELIAKSNTPPMYLQADIEAFDIRELTPK
FDVILLEPPLEEYYRETGITANEKCWTWDDIMKLEIDEIAAPRSFIFLWCGSGEGLDLGRVCLRKWGYRRCEDICWIKTN
KNNPGKTKTLDPKAVFQRTKEHCLMGIKGTVKRSTDGDFIHANVDIDLIITEEPEIGNIEKPVEIFHIIEHFCLGRRRLH
LFGRDSTIRPGWLTVGPTLTNSNYNAETYASYFSAPNSYLTGCTEEIERL
;
B
#
# COMPACT_ATOMS: atom_id res chain seq x y z
N LEU A 34 28.59 -3.22 -20.27
CA LEU A 34 28.07 -2.50 -21.42
C LEU A 34 26.89 -1.56 -21.08
N PHE A 35 27.15 -0.24 -21.07
CA PHE A 35 26.14 0.72 -20.62
C PHE A 35 24.83 0.75 -21.42
N PRO A 36 24.79 0.56 -22.75
CA PRO A 36 23.52 0.86 -23.51
C PRO A 36 22.52 -0.29 -23.41
N PRO A 37 21.24 -0.04 -23.79
CA PRO A 37 20.19 -1.07 -23.62
C PRO A 37 20.55 -2.43 -24.19
N GLN A 38 20.05 -3.48 -23.54
CA GLN A 38 20.14 -4.84 -24.01
C GLN A 38 18.86 -5.58 -23.66
N TRP A 39 18.50 -6.58 -24.45
CA TRP A 39 17.28 -7.31 -24.18
C TRP A 39 17.37 -8.73 -24.69
N ILE A 40 16.41 -9.54 -24.27
CA ILE A 40 16.35 -10.96 -24.56
C ILE A 40 14.88 -11.32 -24.69
N CYS A 41 14.44 -11.61 -25.92
CA CYS A 41 13.11 -12.20 -26.10
C CYS A 41 13.18 -13.66 -25.69
N CYS A 42 12.26 -14.05 -24.81
CA CYS A 42 12.27 -15.41 -24.28
C CYS A 42 11.01 -15.56 -23.45
N ASP A 43 10.82 -16.77 -22.94
CA ASP A 43 9.85 -17.00 -21.88
C ASP A 43 10.62 -17.01 -20.57
N ILE A 44 10.27 -16.09 -19.69
CA ILE A 44 11.02 -15.95 -18.45
C ILE A 44 10.90 -17.21 -17.60
N ARG A 45 9.85 -18.01 -17.80
CA ARG A 45 9.71 -19.27 -17.07
C ARG A 45 10.87 -20.22 -17.40
N TYR A 46 11.29 -20.24 -18.65
CA TYR A 46 12.18 -21.27 -19.13
C TYR A 46 13.61 -20.81 -19.35
N LEU A 47 13.87 -19.51 -19.37
CA LEU A 47 15.23 -19.03 -19.55
C LEU A 47 16.08 -19.34 -18.33
N ASP A 48 17.36 -19.56 -18.58
CA ASP A 48 18.33 -19.91 -17.54
C ASP A 48 19.02 -18.61 -17.12
N VAL A 49 18.39 -17.91 -16.18
CA VAL A 49 18.87 -16.58 -15.80
C VAL A 49 20.25 -16.60 -15.15
N SER A 50 20.74 -17.78 -14.76
CA SER A 50 22.05 -17.87 -14.16
C SER A 50 23.15 -17.40 -15.09
N ILE A 51 22.89 -17.40 -16.41
CA ILE A 51 23.89 -16.92 -17.34
C ILE A 51 24.09 -15.42 -17.25
N LEU A 52 23.15 -14.69 -16.64
CA LEU A 52 23.13 -13.24 -16.67
C LEU A 52 23.99 -12.58 -15.60
N GLY A 53 24.43 -13.31 -14.58
CA GLY A 53 25.20 -12.66 -13.52
C GLY A 53 24.35 -11.97 -12.47
N LYS A 54 24.99 -11.10 -11.68
CA LYS A 54 24.39 -10.47 -10.53
C LYS A 54 24.00 -9.03 -10.85
N PHE A 55 22.96 -8.53 -10.18
CA PHE A 55 22.47 -7.19 -10.44
C PHE A 55 22.26 -6.45 -9.13
N ALA A 56 22.53 -5.16 -9.14
CA ALA A 56 22.27 -4.35 -7.95
C ALA A 56 20.80 -4.04 -7.77
N VAL A 57 20.03 -3.98 -8.86
CA VAL A 57 18.58 -3.79 -8.82
C VAL A 57 17.93 -4.81 -9.74
N VAL A 58 16.84 -5.41 -9.26
CA VAL A 58 15.91 -6.15 -10.09
C VAL A 58 14.57 -5.42 -10.03
N MET A 59 13.90 -5.33 -11.18
CA MET A 59 12.55 -4.80 -11.26
C MET A 59 11.68 -5.76 -12.04
N ALA A 60 10.42 -5.86 -11.62
CA ALA A 60 9.50 -6.81 -12.24
C ALA A 60 8.07 -6.29 -12.20
N ASP A 61 7.40 -6.36 -13.34
CA ASP A 61 5.99 -5.99 -13.46
C ASP A 61 5.23 -7.24 -13.90
N PRO A 62 5.05 -8.21 -13.02
CA PRO A 62 4.60 -9.53 -13.46
C PRO A 62 3.17 -9.48 -13.96
N PRO A 63 2.80 -10.35 -14.88
CA PRO A 63 1.42 -10.55 -15.36
C PRO A 63 0.67 -11.51 -14.45
N TRP A 64 0.41 -11.05 -13.23
CA TRP A 64 -0.29 -11.88 -12.26
C TRP A 64 -1.64 -12.32 -12.80
N ASP A 65 -2.02 -13.53 -12.43
CA ASP A 65 -3.35 -14.08 -12.72
C ASP A 65 -4.30 -13.56 -11.67
N ILE A 66 -5.06 -12.53 -12.00
CA ILE A 66 -5.95 -11.94 -11.02
C ILE A 66 -7.34 -11.71 -11.61
N LEU A 70 -8.18 -13.41 -19.01
CA LEU A 70 -6.81 -12.90 -19.10
C LEU A 70 -6.53 -12.17 -20.42
N PRO A 71 -6.20 -10.87 -20.34
CA PRO A 71 -5.96 -10.08 -21.58
C PRO A 71 -4.59 -10.25 -22.22
N TYR A 72 -3.57 -10.71 -21.50
CA TYR A 72 -2.27 -11.01 -22.09
C TYR A 72 -1.86 -12.42 -21.64
N GLY A 73 -0.57 -12.72 -21.75
CA GLY A 73 -0.05 -13.99 -21.27
C GLY A 73 0.25 -14.03 -19.78
N THR A 74 -0.69 -14.58 -18.98
CA THR A 74 -0.64 -14.66 -17.53
C THR A 74 0.25 -15.82 -17.05
N LEU A 75 0.53 -15.81 -15.74
CA LEU A 75 1.31 -16.86 -15.08
C LEU A 75 0.60 -17.28 -13.81
N THR A 76 0.54 -18.60 -13.58
CA THR A 76 -0.07 -19.06 -12.36
C THR A 76 0.80 -18.70 -11.17
N ASP A 77 0.18 -18.76 -10.00
CA ASP A 77 0.85 -18.36 -8.77
C ASP A 77 2.03 -19.25 -8.44
N ASP A 78 1.95 -20.55 -8.75
CA ASP A 78 3.12 -21.41 -8.55
C ASP A 78 4.24 -21.05 -9.53
N GLU A 79 3.89 -20.78 -10.79
CA GLU A 79 4.89 -20.34 -11.75
C GLU A 79 5.60 -19.11 -11.21
N MET A 80 4.83 -18.13 -10.71
CA MET A 80 5.45 -16.95 -10.11
C MET A 80 6.35 -17.34 -8.93
N ARG A 81 5.81 -18.10 -7.97
CA ARG A 81 6.63 -18.58 -6.86
C ARG A 81 7.91 -19.26 -7.33
N ARG A 82 7.88 -19.88 -8.51
CA ARG A 82 9.00 -20.73 -8.87
C ARG A 82 10.11 -19.99 -9.61
N LEU A 83 9.82 -18.81 -10.19
CA LEU A 83 10.83 -18.03 -10.90
C LEU A 83 12.14 -17.97 -10.11
N ASN A 84 13.26 -18.14 -10.82
CA ASN A 84 14.57 -18.23 -10.17
C ASN A 84 15.15 -16.87 -9.82
N ILE A 85 14.33 -15.96 -9.30
CA ILE A 85 14.77 -14.64 -8.83
C ILE A 85 15.97 -14.75 -7.89
N PRO A 86 16.06 -15.73 -6.98
CA PRO A 86 17.16 -15.71 -6.00
C PRO A 86 18.54 -15.74 -6.59
N VAL A 87 18.71 -16.19 -7.82
CA VAL A 87 20.05 -16.30 -8.41
C VAL A 87 20.54 -14.96 -8.91
N LEU A 88 19.62 -14.02 -9.13
CA LEU A 88 19.97 -12.77 -9.80
C LEU A 88 20.71 -11.79 -8.93
N GLN A 89 20.60 -11.87 -7.61
CA GLN A 89 21.27 -10.90 -6.75
C GLN A 89 21.97 -11.58 -5.60
N ASP A 90 23.01 -10.94 -5.11
CA ASP A 90 23.58 -11.23 -3.80
C ASP A 90 23.28 -10.13 -2.81
N ASP A 91 23.50 -8.88 -3.19
CA ASP A 91 23.05 -7.77 -2.38
C ASP A 91 22.37 -6.77 -3.30
N GLY A 92 21.28 -6.18 -2.85
CA GLY A 92 20.64 -5.16 -3.62
C GLY A 92 19.14 -5.13 -3.41
N PHE A 93 18.46 -4.51 -4.37
CA PHE A 93 17.07 -4.18 -4.23
C PHE A 93 16.23 -4.77 -5.36
N LEU A 94 14.99 -5.07 -5.00
CA LEU A 94 13.98 -5.60 -5.89
C LEU A 94 12.79 -4.64 -5.91
N PHE A 95 12.33 -4.26 -7.10
CA PHE A 95 11.13 -3.45 -7.29
C PHE A 95 10.07 -4.31 -7.96
N LEU A 96 8.91 -4.43 -7.32
CA LEU A 96 7.90 -5.46 -7.66
C LEU A 96 6.51 -4.84 -7.75
N TRP A 97 6.03 -4.57 -8.98
CA TRP A 97 4.71 -3.95 -9.14
C TRP A 97 3.65 -4.95 -8.77
N VAL A 98 2.61 -4.48 -8.09
CA VAL A 98 1.53 -5.35 -7.62
C VAL A 98 0.18 -4.65 -7.81
N THR A 99 -0.85 -5.45 -7.99
CA THR A 99 -2.22 -4.96 -8.01
C THR A 99 -3.11 -5.97 -7.31
N GLY A 100 -4.28 -5.51 -6.91
CA GLY A 100 -5.30 -6.41 -6.44
C GLY A 100 -4.76 -7.38 -5.41
N ARG A 101 -4.90 -8.68 -5.72
CA ARG A 101 -4.54 -9.72 -4.76
C ARG A 101 -3.06 -10.08 -4.86
N ALA A 102 -2.40 -9.68 -5.94
CA ALA A 102 -0.96 -9.77 -5.98
C ALA A 102 -0.31 -8.90 -4.91
N MET A 103 -1.05 -7.93 -4.34
CA MET A 103 -0.50 -7.13 -3.26
C MET A 103 -0.06 -8.02 -2.10
N GLU A 104 -0.83 -9.07 -1.82
CA GLU A 104 -0.48 -10.10 -0.85
C GLU A 104 0.37 -11.18 -1.47
N LEU A 105 0.05 -11.60 -2.68
CA LEU A 105 0.86 -12.61 -3.33
C LEU A 105 2.27 -12.11 -3.55
N GLY A 106 2.41 -10.84 -3.98
CA GLY A 106 3.74 -10.33 -4.24
C GLY A 106 4.54 -10.16 -2.98
N ARG A 107 3.88 -9.91 -1.86
CA ARG A 107 4.57 -9.94 -0.59
C ARG A 107 5.07 -11.33 -0.29
N GLU A 108 4.28 -12.34 -0.68
CA GLU A 108 4.70 -13.72 -0.50
C GLU A 108 5.92 -14.03 -1.36
N CYS A 109 5.82 -13.81 -2.67
CA CYS A 109 6.96 -14.12 -3.54
C CYS A 109 8.20 -13.37 -3.09
N LEU A 110 8.03 -12.15 -2.62
CA LEU A 110 9.17 -11.34 -2.25
C LEU A 110 9.88 -11.94 -1.06
N ASN A 111 9.12 -12.42 -0.08
CA ASN A 111 9.71 -13.14 1.05
C ASN A 111 10.23 -14.50 0.59
N LEU A 112 9.45 -15.22 -0.21
CA LEU A 112 9.90 -16.53 -0.66
C LEU A 112 11.25 -16.41 -1.36
N TRP A 113 11.46 -15.34 -2.14
CA TRP A 113 12.71 -15.21 -2.90
C TRP A 113 13.88 -14.74 -2.06
N GLY A 114 13.67 -14.41 -0.79
CA GLY A 114 14.73 -14.01 0.10
C GLY A 114 14.84 -12.53 0.40
N TYR A 115 13.79 -11.77 0.16
CA TYR A 115 13.85 -10.32 0.37
C TYR A 115 13.07 -9.92 1.63
N GLU A 116 13.38 -8.73 2.13
CA GLU A 116 12.59 -8.07 3.15
C GLU A 116 11.96 -6.84 2.51
N ARG A 117 10.65 -6.70 2.64
CA ARG A 117 9.99 -5.51 2.10
C ARG A 117 10.31 -4.34 3.02
N VAL A 118 11.10 -3.37 2.53
CA VAL A 118 11.53 -2.23 3.33
C VAL A 118 10.94 -0.92 2.85
N ASP A 119 10.12 -0.91 1.81
CA ASP A 119 9.51 0.31 1.32
C ASP A 119 8.41 -0.08 0.34
N GLU A 120 7.60 0.90 -0.01
CA GLU A 120 6.49 0.68 -0.92
C GLU A 120 6.24 1.99 -1.63
N ILE A 121 6.36 1.97 -2.96
CA ILE A 121 6.14 3.15 -3.79
C ILE A 121 4.72 3.11 -4.29
N ILE A 122 4.05 4.26 -4.28
CA ILE A 122 2.79 4.39 -4.97
C ILE A 122 2.93 5.42 -6.07
N TRP A 123 2.31 5.15 -7.20
CA TRP A 123 2.26 6.09 -8.30
C TRP A 123 0.86 6.68 -8.35
N VAL A 124 0.73 7.97 -8.10
CA VAL A 124 -0.54 8.67 -8.25
C VAL A 124 -0.73 9.01 -9.73
N LYS A 125 -1.80 8.50 -10.33
CA LYS A 125 -2.08 8.69 -11.75
C LYS A 125 -2.89 9.97 -11.95
N THR A 126 -2.29 10.96 -12.63
CA THR A 126 -2.95 12.22 -12.98
C THR A 126 -3.18 12.31 -14.49
N ASN A 127 -3.85 13.39 -14.91
CA ASN A 127 -3.98 13.73 -16.32
C ASN A 127 -2.93 14.73 -16.75
N GLN A 128 -3.22 15.54 -17.77
CA GLN A 128 -2.31 16.63 -18.11
C GLN A 128 -2.57 17.88 -17.28
N LEU A 129 -3.70 17.94 -16.56
CA LEU A 129 -4.03 19.03 -15.65
C LEU A 129 -3.63 18.73 -14.20
N GLN A 130 -2.99 17.59 -13.94
CA GLN A 130 -2.52 17.20 -12.60
C GLN A 130 -3.66 17.08 -11.59
N ARG A 131 -4.81 16.63 -12.08
CA ARG A 131 -5.89 16.13 -11.24
C ARG A 131 -5.87 14.60 -11.31
N ILE A 132 -6.45 13.98 -10.30
CA ILE A 132 -6.35 12.53 -10.18
C ILE A 132 -7.33 11.83 -11.13
N ILE A 133 -6.86 10.77 -11.78
CA ILE A 133 -7.69 9.97 -12.68
C ILE A 133 -8.69 9.12 -11.89
N GLY A 139 -11.31 -4.20 -6.92
CA GLY A 139 -11.49 -2.90 -6.31
C GLY A 139 -12.86 -2.31 -6.61
N HIS A 140 -13.89 -2.98 -6.09
CA HIS A 140 -15.27 -2.58 -6.31
C HIS A 140 -15.80 -1.64 -5.23
N TRP A 141 -14.96 -1.25 -4.26
CA TRP A 141 -15.38 -0.37 -3.18
C TRP A 141 -14.87 1.06 -3.36
N LEU A 142 -13.66 1.23 -3.91
CA LEU A 142 -13.09 2.54 -4.16
C LEU A 142 -12.50 2.59 -5.56
N ASN A 143 -12.65 3.72 -6.23
CA ASN A 143 -11.92 3.96 -7.47
C ASN A 143 -10.43 4.03 -7.15
N HIS A 144 -9.59 3.60 -8.10
CA HIS A 144 -8.17 3.42 -7.82
C HIS A 144 -7.36 4.54 -8.46
N GLY A 145 -6.85 5.42 -7.62
CA GLY A 145 -6.05 6.53 -8.05
C GLY A 145 -4.58 6.24 -8.04
N LYS A 146 -4.18 4.99 -7.87
CA LYS A 146 -2.77 4.71 -7.62
C LYS A 146 -2.41 3.28 -8.04
N GLU A 147 -1.11 3.04 -8.10
CA GLU A 147 -0.54 1.73 -8.34
C GLU A 147 0.59 1.54 -7.35
N HIS A 148 0.79 0.30 -6.91
CA HIS A 148 1.74 -0.02 -5.85
C HIS A 148 2.97 -0.73 -6.41
N CYS A 149 4.14 -0.41 -5.85
CA CYS A 149 5.40 -1.07 -6.18
C CYS A 149 6.13 -1.43 -4.89
N LEU A 150 6.20 -2.71 -4.57
CA LEU A 150 6.92 -3.14 -3.38
C LEU A 150 8.42 -3.02 -3.59
N VAL A 151 9.12 -2.58 -2.54
CA VAL A 151 10.58 -2.50 -2.56
C VAL A 151 11.14 -3.52 -1.58
N GLY A 152 11.98 -4.41 -2.10
CA GLY A 152 12.60 -5.45 -1.28
C GLY A 152 14.10 -5.28 -1.27
N VAL A 153 14.72 -5.62 -0.14
CA VAL A 153 16.17 -5.64 -0.05
C VAL A 153 16.62 -7.07 0.25
N LYS A 154 17.79 -7.42 -0.29
CA LYS A 154 18.47 -8.70 -0.09
C LYS A 154 19.91 -8.43 0.34
N GLY A 155 20.38 -9.19 1.34
CA GLY A 155 21.78 -9.10 1.71
C GLY A 155 22.10 -7.81 2.43
N ASN A 156 23.28 -7.26 2.13
CA ASN A 156 23.76 -6.02 2.74
C ASN A 156 24.23 -5.10 1.64
N PRO A 157 23.29 -4.50 0.91
CA PRO A 157 23.69 -3.57 -0.15
C PRO A 157 24.40 -2.37 0.45
N GLN A 158 25.39 -1.86 -0.28
CA GLN A 158 26.28 -0.83 0.24
C GLN A 158 26.63 0.16 -0.86
N GLY A 159 26.71 1.44 -0.48
CA GLY A 159 27.07 2.48 -1.43
C GLY A 159 25.93 2.95 -2.29
N PHE A 160 24.70 2.71 -1.86
CA PHE A 160 23.54 3.25 -2.52
C PHE A 160 23.20 4.57 -1.86
N ASN A 161 22.36 5.34 -2.53
CA ASN A 161 21.91 6.62 -2.02
C ASN A 161 20.49 6.49 -1.51
N GLN A 162 20.33 5.80 -0.38
CA GLN A 162 19.04 5.76 0.28
C GLN A 162 18.65 7.19 0.68
N GLY A 163 17.35 7.48 0.57
CA GLY A 163 16.78 8.76 0.97
C GLY A 163 16.71 9.84 -0.10
N LEU A 164 17.18 9.58 -1.32
CA LEU A 164 17.24 10.65 -2.29
C LEU A 164 15.86 11.01 -2.84
N ASP A 165 14.99 10.03 -3.02
CA ASP A 165 13.64 10.28 -3.48
C ASP A 165 12.64 9.97 -2.37
N CYS A 166 11.36 10.20 -2.67
CA CYS A 166 10.32 9.88 -1.72
C CYS A 166 9.35 8.88 -2.34
N ASP A 167 8.59 8.21 -1.47
CA ASP A 167 7.88 7.03 -1.90
C ASP A 167 6.63 7.31 -2.72
N VAL A 168 6.50 8.52 -3.27
CA VAL A 168 5.34 8.89 -4.06
C VAL A 168 5.75 9.43 -5.42
N ILE A 169 5.28 8.78 -6.48
CA ILE A 169 5.43 9.26 -7.85
C ILE A 169 4.11 9.87 -8.30
N VAL A 170 4.18 11.07 -8.88
CA VAL A 170 3.02 11.71 -9.51
C VAL A 170 3.41 11.94 -10.97
N ALA A 171 2.64 11.35 -11.88
CA ALA A 171 2.97 11.39 -13.30
C ALA A 171 1.74 11.01 -14.10
N GLU A 172 1.73 11.44 -15.37
CA GLU A 172 0.56 11.21 -16.21
C GLU A 172 0.61 9.80 -16.81
N VAL A 173 -0.58 9.25 -17.05
CA VAL A 173 -0.70 7.92 -17.63
C VAL A 173 -0.34 7.95 -19.11
N ARG A 174 0.54 7.03 -19.52
CA ARG A 174 0.85 6.90 -20.94
C ARG A 174 -0.13 5.92 -21.59
N SER A 175 0.39 4.84 -22.18
CA SER A 175 -0.51 3.81 -22.66
C SER A 175 -1.10 3.07 -21.46
N THR A 176 -2.10 2.24 -21.72
CA THR A 176 -2.52 1.31 -20.69
C THR A 176 -1.37 0.36 -20.37
N SER A 177 -1.30 -0.08 -19.12
CA SER A 177 -0.39 -1.11 -18.66
C SER A 177 1.07 -0.68 -18.59
N HIS A 178 1.37 0.62 -18.76
CA HIS A 178 2.75 1.10 -18.75
C HIS A 178 3.10 1.64 -17.38
N LYS A 179 4.26 1.26 -16.85
CA LYS A 179 4.76 1.99 -15.69
C LYS A 179 5.18 3.38 -16.11
N PRO A 180 5.25 4.32 -15.16
CA PRO A 180 5.81 5.63 -15.46
C PRO A 180 7.31 5.55 -15.54
N ASP A 181 7.88 6.42 -16.39
CA ASP A 181 9.31 6.42 -16.61
C ASP A 181 10.11 6.92 -15.41
N GLU A 182 9.49 7.72 -14.53
CA GLU A 182 10.21 8.26 -13.39
C GLU A 182 10.82 7.15 -12.51
N ILE A 183 10.28 5.92 -12.55
CA ILE A 183 10.82 4.83 -11.73
C ILE A 183 12.28 4.56 -12.10
N TYR A 184 12.66 4.72 -13.36
CA TYR A 184 14.05 4.45 -13.74
C TYR A 184 14.97 5.56 -13.22
N GLY A 185 14.50 6.80 -13.25
CA GLY A 185 15.28 7.88 -12.70
C GLY A 185 15.45 7.75 -11.20
N MET A 186 14.37 7.36 -10.51
CA MET A 186 14.48 7.07 -9.09
C MET A 186 15.50 5.97 -8.85
N ILE A 187 15.46 4.91 -9.65
CA ILE A 187 16.33 3.76 -9.44
C ILE A 187 17.78 4.11 -9.77
N GLU A 188 17.99 4.95 -10.79
CA GLU A 188 19.34 5.40 -11.12
C GLU A 188 19.92 6.29 -10.02
N ARG A 189 19.12 7.19 -9.46
CA ARG A 189 19.63 8.01 -8.36
C ARG A 189 20.00 7.14 -7.16
N LEU A 190 19.33 5.99 -7.00
CA LEU A 190 19.55 5.15 -5.84
C LEU A 190 20.83 4.32 -6.00
N SER A 191 21.07 3.82 -7.20
CA SER A 191 22.19 2.93 -7.49
C SER A 191 22.75 3.33 -8.84
N PRO A 192 23.54 4.40 -8.88
CA PRO A 192 24.06 4.88 -10.16
C PRO A 192 25.16 3.99 -10.71
N GLY A 193 25.07 3.75 -12.01
CA GLY A 193 26.06 3.00 -12.75
C GLY A 193 26.00 1.48 -12.63
N THR A 194 25.05 0.93 -11.88
CA THR A 194 25.06 -0.49 -11.57
C THR A 194 24.27 -1.30 -12.60
N ARG A 195 24.49 -2.62 -12.61
CA ARG A 195 23.76 -3.56 -13.47
C ARG A 195 22.35 -3.78 -12.94
N LYS A 196 21.36 -3.47 -13.77
CA LYS A 196 19.96 -3.62 -13.41
C LYS A 196 19.27 -4.52 -14.43
N ILE A 197 18.30 -5.30 -13.95
CA ILE A 197 17.58 -6.21 -14.82
C ILE A 197 16.09 -6.07 -14.59
N GLU A 198 15.34 -5.95 -15.68
CA GLU A 198 13.89 -5.88 -15.66
C GLU A 198 13.34 -7.18 -16.17
N LEU A 199 12.37 -7.74 -15.44
CA LEU A 199 11.64 -8.93 -15.85
C LEU A 199 10.25 -8.53 -16.32
N PHE A 200 9.85 -9.05 -17.48
CA PHE A 200 8.55 -8.79 -18.09
C PHE A 200 8.47 -7.37 -18.61
N GLY A 201 9.56 -6.88 -19.16
CA GLY A 201 9.49 -5.67 -19.92
C GLY A 201 8.92 -5.87 -21.30
N ARG A 202 8.44 -4.78 -21.85
CA ARG A 202 8.05 -4.62 -23.23
C ARG A 202 9.05 -3.68 -23.90
N PRO A 203 9.03 -3.57 -25.22
CA PRO A 203 10.12 -2.86 -25.90
C PRO A 203 10.30 -1.41 -25.45
N HIS A 204 9.22 -0.75 -24.98
CA HIS A 204 9.33 0.61 -24.48
C HIS A 204 10.06 0.70 -23.14
N ASN A 205 10.46 -0.44 -22.56
CA ASN A 205 11.11 -0.46 -21.26
C ASN A 205 12.64 -0.53 -21.35
N VAL A 206 13.19 -0.78 -22.54
CA VAL A 206 14.64 -0.91 -22.62
C VAL A 206 15.26 0.42 -22.24
N GLN A 207 16.39 0.34 -21.55
CA GLN A 207 16.98 1.46 -20.84
C GLN A 207 18.47 1.22 -20.77
N PRO A 208 19.30 2.28 -20.84
CA PRO A 208 20.72 2.10 -20.59
C PRO A 208 20.92 1.57 -19.17
N ASN A 209 21.99 0.80 -19.00
CA ASN A 209 22.32 0.05 -17.80
C ASN A 209 21.34 -1.08 -17.49
N TRP A 210 20.28 -1.27 -18.29
CA TRP A 210 19.28 -2.31 -18.03
C TRP A 210 19.33 -3.43 -19.09
N ILE A 211 19.08 -4.66 -18.64
CA ILE A 211 18.81 -5.78 -19.52
C ILE A 211 17.34 -6.12 -19.38
N THR A 212 16.59 -6.09 -20.46
CA THR A 212 15.16 -6.32 -20.40
C THR A 212 14.80 -7.71 -20.92
N LEU A 213 14.06 -8.47 -20.13
CA LEU A 213 13.56 -9.77 -20.55
C LEU A 213 12.06 -9.69 -20.73
N GLY A 214 11.59 -10.18 -21.87
CA GLY A 214 10.17 -10.25 -22.14
C GLY A 214 9.96 -11.02 -23.42
N ASN A 215 8.73 -11.48 -23.60
CA ASN A 215 8.44 -12.34 -24.74
C ASN A 215 7.93 -11.58 -25.96
N GLN A 216 7.79 -10.26 -25.88
CA GLN A 216 7.42 -9.42 -27.01
C GLN A 216 8.54 -8.46 -27.39
N LEU A 217 9.79 -8.85 -27.20
CA LEU A 217 10.92 -8.03 -27.62
C LEU A 217 11.48 -8.56 -28.94
N ASP A 218 12.28 -7.72 -29.60
CA ASP A 218 12.85 -8.06 -30.90
C ASP A 218 14.16 -8.80 -30.65
N GLY A 219 14.12 -10.12 -30.78
CA GLY A 219 15.32 -10.94 -30.81
C GLY A 219 16.10 -10.96 -29.50
N ILE A 220 17.42 -11.05 -29.63
CA ILE A 220 18.36 -11.11 -28.51
C ILE A 220 19.47 -10.11 -28.79
N HIS A 221 19.45 -8.97 -28.11
CA HIS A 221 20.44 -7.90 -28.31
C HIS A 221 21.32 -7.78 -27.07
N LEU A 222 22.55 -8.30 -27.14
CA LEU A 222 23.43 -8.38 -25.98
C LEU A 222 24.80 -7.83 -26.33
N LEU A 223 25.34 -7.00 -25.44
CA LEU A 223 26.63 -6.34 -25.65
C LEU A 223 27.60 -6.52 -24.50
N ASP A 224 27.14 -6.84 -23.30
CA ASP A 224 28.03 -7.16 -22.19
C ASP A 224 28.82 -8.41 -22.56
N PRO A 225 30.16 -8.36 -22.57
CA PRO A 225 30.95 -9.53 -23.01
C PRO A 225 30.69 -10.81 -22.22
N ASP A 226 30.84 -10.78 -20.88
CA ASP A 226 30.65 -12.00 -20.09
C ASP A 226 29.27 -12.61 -20.32
N VAL A 227 28.26 -11.78 -20.57
CA VAL A 227 26.93 -12.30 -20.81
C VAL A 227 26.87 -12.97 -22.18
N VAL A 228 27.38 -12.30 -23.23
CA VAL A 228 27.43 -12.92 -24.56
C VAL A 228 28.15 -14.26 -24.49
N ALA A 229 29.20 -14.35 -23.67
CA ALA A 229 29.93 -15.59 -23.44
C ALA A 229 29.02 -16.67 -22.87
N ARG A 230 28.58 -16.48 -21.62
CA ARG A 230 27.79 -17.50 -20.95
C ARG A 230 26.52 -17.84 -21.72
N PHE A 231 26.02 -16.91 -22.55
CA PHE A 231 24.88 -17.21 -23.40
C PHE A 231 25.27 -18.20 -24.49
N LYS A 232 26.34 -17.91 -25.23
CA LYS A 232 26.82 -18.83 -26.26
C LYS A 232 27.16 -20.19 -25.66
N GLN A 233 27.73 -20.22 -24.45
CA GLN A 233 28.05 -21.50 -23.82
C GLN A 233 26.78 -22.29 -23.48
N ARG A 234 25.79 -21.64 -22.90
CA ARG A 234 24.57 -22.33 -22.49
C ARG A 234 23.61 -22.55 -23.66
N TYR A 235 23.57 -21.64 -24.63
CA TYR A 235 22.72 -21.77 -25.81
C TYR A 235 23.57 -21.65 -27.07
N PRO A 236 24.27 -22.72 -27.46
CA PRO A 236 25.04 -22.68 -28.72
C PRO A 236 24.17 -22.61 -29.98
N ASP A 237 22.85 -22.56 -29.87
CA ASP A 237 21.99 -22.52 -31.05
C ASP A 237 20.86 -21.50 -30.96
N GLY A 238 20.81 -20.68 -29.92
CA GLY A 238 19.85 -19.59 -29.86
C GLY A 238 18.40 -19.97 -29.67
N ILE A 239 18.11 -21.12 -29.06
CA ILE A 239 16.75 -21.53 -28.74
C ILE A 239 16.66 -21.78 -27.24
N ILE A 240 15.64 -21.18 -26.61
CA ILE A 240 15.40 -21.34 -25.17
C ILE A 240 14.16 -22.21 -25.01
N SER A 241 14.33 -23.41 -24.43
CA SER A 241 13.33 -24.47 -24.56
C SER A 241 12.67 -24.97 -23.29
N LYS A 242 13.33 -25.91 -22.59
CA LYS A 242 12.69 -26.66 -21.50
C LYS A 242 12.72 -25.92 -20.17
N ASP B 13 8.95 15.50 -14.77
CA ASP B 13 9.58 14.67 -13.74
C ASP B 13 9.51 15.29 -12.33
N TYR B 14 8.43 15.00 -11.61
CA TYR B 14 8.27 15.50 -10.25
C TYR B 14 9.18 14.81 -9.25
N CYS B 15 9.77 13.67 -9.62
CA CYS B 15 10.69 12.98 -8.73
C CYS B 15 12.08 13.61 -8.81
N GLN B 16 12.52 14.00 -10.01
CA GLN B 16 13.70 14.84 -10.15
C GLN B 16 13.48 16.19 -9.51
N HIS B 17 12.27 16.75 -9.65
CA HIS B 17 11.99 18.05 -9.06
C HIS B 17 12.07 18.01 -7.54
N PHE B 18 11.50 16.98 -6.89
CA PHE B 18 11.64 16.88 -5.42
C PHE B 18 13.10 16.71 -5.03
N VAL B 19 13.86 15.96 -5.83
CA VAL B 19 15.28 15.84 -5.62
C VAL B 19 15.96 17.20 -5.74
N ASP B 20 15.36 18.13 -6.48
CA ASP B 20 15.90 19.48 -6.65
C ASP B 20 15.53 20.41 -5.49
N THR B 21 14.24 20.44 -5.12
CA THR B 21 13.68 21.53 -4.35
C THR B 21 13.10 21.14 -3.00
N GLY B 22 13.02 19.85 -2.67
CA GLY B 22 12.39 19.43 -1.43
C GLY B 22 10.88 19.49 -1.42
N HIS B 23 10.27 19.81 -2.56
CA HIS B 23 8.82 19.75 -2.72
C HIS B 23 8.43 18.36 -3.20
N ARG B 24 7.85 17.58 -2.29
CA ARG B 24 7.36 16.25 -2.63
C ARG B 24 6.47 16.31 -3.88
N PRO B 25 6.54 15.30 -4.75
CA PRO B 25 5.69 15.31 -5.94
C PRO B 25 4.22 15.60 -5.66
N GLN B 26 3.71 15.15 -4.52
CA GLN B 26 2.29 15.37 -4.24
C GLN B 26 1.95 16.84 -4.00
N ASN B 27 2.95 17.68 -3.74
CA ASN B 27 2.68 19.10 -3.56
C ASN B 27 1.96 19.72 -4.75
N PHE B 28 2.07 19.10 -5.93
CA PHE B 28 1.60 19.72 -7.16
C PHE B 28 0.31 19.11 -7.69
N ILE B 29 -0.37 18.27 -6.92
CA ILE B 29 -1.63 17.69 -7.40
C ILE B 29 -2.71 18.76 -7.26
N ARG B 30 -3.43 19.02 -8.34
CA ARG B 30 -4.53 19.97 -8.33
C ARG B 30 -5.83 19.29 -7.92
N ASP B 31 -6.72 20.08 -7.32
CA ASP B 31 -8.04 19.61 -6.91
C ASP B 31 -7.91 18.51 -5.87
N VAL B 32 -7.18 18.82 -4.80
CA VAL B 32 -6.89 17.87 -3.74
C VAL B 32 -7.13 18.50 -2.37
N GLU B 46 -22.15 16.51 -10.86
CA GLU B 46 -22.86 15.60 -9.96
C GLU B 46 -22.57 15.91 -8.50
N LEU B 47 -23.49 16.60 -7.83
CA LEU B 47 -23.41 16.88 -6.40
C LEU B 47 -24.55 16.14 -5.70
N ILE B 48 -24.23 14.99 -5.12
CA ILE B 48 -25.20 14.23 -4.33
C ILE B 48 -24.75 14.18 -2.88
N ARG B 49 -24.67 15.34 -2.25
CA ARG B 49 -24.44 15.44 -0.82
C ARG B 49 -25.68 15.15 0.00
N LEU B 50 -26.76 14.66 -0.62
CA LEU B 50 -27.89 14.21 0.17
C LEU B 50 -27.54 12.99 1.00
N LYS B 51 -26.67 12.11 0.47
CA LYS B 51 -26.18 10.97 1.25
C LYS B 51 -25.53 11.42 2.54
N ASP B 52 -24.89 12.60 2.55
CA ASP B 52 -24.32 13.13 3.79
C ASP B 52 -25.40 13.46 4.81
N GLU B 53 -26.53 14.04 4.34
CA GLU B 53 -27.61 14.34 5.27
C GLU B 53 -28.27 13.07 5.76
N LEU B 54 -28.44 12.08 4.88
CA LEU B 54 -29.02 10.81 5.31
C LEU B 54 -28.16 10.15 6.38
N ILE B 55 -26.85 10.05 6.13
CA ILE B 55 -25.94 9.59 7.16
C ILE B 55 -26.17 10.36 8.45
N ALA B 56 -26.28 11.69 8.35
CA ALA B 56 -26.37 12.51 9.56
C ALA B 56 -27.67 12.28 10.33
N LYS B 57 -28.79 12.08 9.63
CA LYS B 57 -30.03 11.82 10.35
C LYS B 57 -30.06 10.40 10.89
N SER B 58 -29.31 9.50 10.27
CA SER B 58 -29.25 8.11 10.72
C SER B 58 -28.31 7.93 11.92
N ASN B 59 -27.44 8.91 12.18
CA ASN B 59 -26.34 8.73 13.13
C ASN B 59 -26.82 8.64 14.57
N THR B 60 -26.44 7.55 15.25
CA THR B 60 -26.62 7.42 16.69
C THR B 60 -25.88 8.55 17.40
N PRO B 61 -26.32 8.92 18.60
CA PRO B 61 -25.54 9.88 19.37
C PRO B 61 -24.14 9.37 19.57
N PRO B 62 -23.16 10.26 19.67
CA PRO B 62 -21.78 9.79 19.89
C PRO B 62 -21.63 9.17 21.27
N MET B 63 -20.96 8.04 21.33
CA MET B 63 -20.66 7.39 22.60
C MET B 63 -19.18 7.13 22.71
N TYR B 64 -18.70 7.08 23.94
CA TYR B 64 -17.28 7.07 24.15
C TYR B 64 -17.05 6.46 25.52
N LEU B 65 -15.88 5.86 25.71
CA LEU B 65 -15.55 5.19 26.97
C LEU B 65 -14.03 5.19 27.15
N GLN B 66 -13.54 5.87 28.18
CA GLN B 66 -12.13 5.71 28.54
C GLN B 66 -11.88 4.26 28.97
N ALA B 67 -10.86 3.65 28.39
CA ALA B 67 -10.47 2.28 28.75
C ALA B 67 -9.04 2.01 28.34
N ASP B 68 -8.29 1.36 29.24
CA ASP B 68 -6.95 0.88 28.90
C ASP B 68 -7.09 -0.43 28.12
N ILE B 69 -6.86 -0.38 26.81
CA ILE B 69 -7.26 -1.52 25.97
C ILE B 69 -6.32 -2.71 26.15
N GLU B 70 -5.05 -2.48 26.51
CA GLU B 70 -4.19 -3.61 26.81
C GLU B 70 -4.78 -4.44 27.96
N ALA B 71 -5.31 -3.76 28.97
CA ALA B 71 -5.82 -4.39 30.18
C ALA B 71 -7.33 -4.57 30.15
N PHE B 72 -7.99 -4.23 29.06
CA PHE B 72 -9.45 -4.16 29.00
C PHE B 72 -9.95 -5.42 28.32
N ASP B 73 -10.80 -6.17 29.00
CA ASP B 73 -11.41 -7.28 28.29
C ASP B 73 -12.30 -6.71 27.19
N ILE B 74 -11.91 -6.97 25.93
CA ILE B 74 -12.63 -6.38 24.82
C ILE B 74 -14.06 -6.89 24.69
N ARG B 75 -14.36 -8.09 25.22
CA ARG B 75 -15.69 -8.64 24.99
C ARG B 75 -16.79 -7.83 25.67
N GLU B 76 -16.45 -7.03 26.69
CA GLU B 76 -17.45 -6.15 27.32
C GLU B 76 -18.06 -5.16 26.33
N LEU B 77 -17.46 -4.98 25.15
CA LEU B 77 -17.99 -4.07 24.15
C LEU B 77 -19.01 -4.81 23.29
N THR B 78 -20.26 -4.37 23.35
CA THR B 78 -21.34 -5.04 22.64
C THR B 78 -22.33 -4.00 22.14
N PRO B 79 -23.13 -4.33 21.10
CA PRO B 79 -23.17 -5.59 20.33
C PRO B 79 -22.01 -5.72 19.34
N LYS B 80 -22.09 -6.67 18.41
CA LYS B 80 -21.02 -6.84 17.46
C LYS B 80 -21.07 -5.70 16.45
N PHE B 81 -19.90 -5.30 15.96
CA PHE B 81 -19.79 -4.06 15.19
C PHE B 81 -19.83 -4.31 13.69
N ASP B 82 -20.51 -3.42 12.97
CA ASP B 82 -20.47 -3.45 11.52
C ASP B 82 -19.15 -2.91 10.98
N VAL B 83 -18.56 -1.90 11.65
CA VAL B 83 -17.31 -1.28 11.22
C VAL B 83 -16.38 -1.16 12.42
N ILE B 84 -15.11 -1.49 12.23
CA ILE B 84 -14.11 -1.22 13.26
C ILE B 84 -12.99 -0.41 12.64
N LEU B 85 -12.66 0.72 13.27
CA LEU B 85 -11.59 1.60 12.86
C LEU B 85 -10.56 1.57 13.98
N LEU B 86 -9.32 1.29 13.62
CA LEU B 86 -8.35 0.83 14.59
C LEU B 86 -7.11 1.66 14.35
N GLU B 87 -6.70 2.41 15.36
CA GLU B 87 -5.73 3.48 15.20
C GLU B 87 -4.72 3.42 16.32
N PRO B 88 -4.03 2.28 16.45
CA PRO B 88 -3.13 2.09 17.60
C PRO B 88 -1.95 3.02 17.50
N PRO B 89 -1.44 3.50 18.61
CA PRO B 89 -0.33 4.46 18.57
C PRO B 89 1.01 3.80 18.30
N LEU B 90 1.41 3.75 17.04
CA LEU B 90 2.64 3.10 16.66
C LEU B 90 3.83 3.92 17.13
N GLU B 91 4.93 3.21 17.42
CA GLU B 91 6.17 3.86 17.82
C GLU B 91 6.64 4.85 16.76
N GLU B 92 6.41 4.56 15.49
CA GLU B 92 6.84 5.47 14.45
C GLU B 92 6.05 6.77 14.43
N TYR B 93 4.85 6.84 15.03
CA TYR B 93 4.17 8.13 15.09
C TYR B 93 4.92 9.12 15.98
N TYR B 94 5.70 8.62 16.95
CA TYR B 94 6.53 9.48 17.81
C TYR B 94 7.98 9.37 17.34
N ARG B 95 8.30 10.17 16.33
CA ARG B 95 9.68 10.36 15.92
C ARG B 95 10.38 11.35 16.84
N GLU B 96 9.90 12.59 16.84
CA GLU B 96 10.32 13.56 17.87
C GLU B 96 9.17 13.86 18.82
N LYS B 104 2.25 5.41 26.27
CA LYS B 104 2.51 4.04 25.82
C LYS B 104 2.46 3.92 24.30
N CYS B 105 3.55 3.51 23.66
CA CYS B 105 3.45 3.09 22.27
C CYS B 105 3.00 1.64 22.20
N TRP B 106 2.25 1.30 21.17
CA TRP B 106 1.87 -0.08 20.89
C TRP B 106 2.75 -0.63 19.78
N THR B 107 3.26 -1.85 19.99
CA THR B 107 3.98 -2.60 18.98
C THR B 107 3.01 -3.44 18.18
N TRP B 108 3.47 -3.90 17.02
CA TRP B 108 2.63 -4.82 16.26
C TRP B 108 2.46 -6.12 17.00
N ASP B 109 3.37 -6.40 17.96
CA ASP B 109 3.21 -7.52 18.88
C ASP B 109 1.94 -7.36 19.70
N ASP B 110 1.77 -6.20 20.35
CA ASP B 110 0.57 -5.98 21.16
C ASP B 110 -0.68 -5.98 20.30
N ILE B 111 -0.63 -5.33 19.13
CA ILE B 111 -1.82 -5.19 18.29
C ILE B 111 -2.30 -6.55 17.83
N MET B 112 -1.38 -7.37 17.32
CA MET B 112 -1.72 -8.70 16.82
C MET B 112 -2.41 -9.56 17.90
N LYS B 113 -2.24 -9.24 19.17
CA LYS B 113 -2.85 -10.03 20.23
C LYS B 113 -4.22 -9.49 20.64
N LEU B 114 -4.75 -8.47 19.96
CA LEU B 114 -6.07 -7.97 20.27
C LEU B 114 -7.12 -8.90 19.72
N GLU B 115 -8.14 -9.19 20.52
CA GLU B 115 -9.12 -10.20 20.10
C GLU B 115 -10.21 -9.57 19.22
N ILE B 116 -9.78 -8.83 18.20
CA ILE B 116 -10.71 -8.05 17.37
C ILE B 116 -11.86 -8.91 16.85
N ASP B 117 -11.59 -10.18 16.55
CA ASP B 117 -12.64 -10.97 15.92
C ASP B 117 -13.75 -11.36 16.89
N GLU B 118 -13.51 -11.22 18.19
CA GLU B 118 -14.54 -11.49 19.19
C GLU B 118 -15.57 -10.38 19.28
N ILE B 119 -15.36 -9.23 18.65
CA ILE B 119 -16.32 -8.14 18.70
C ILE B 119 -16.80 -7.73 17.31
N ALA B 120 -16.37 -8.42 16.26
CA ALA B 120 -16.73 -8.06 14.90
C ALA B 120 -17.95 -8.87 14.44
N ALA B 121 -18.85 -8.22 13.73
CA ALA B 121 -20.01 -8.94 13.25
C ALA B 121 -19.57 -9.92 12.17
N PRO B 122 -20.35 -10.99 11.97
CA PRO B 122 -19.98 -12.00 10.96
C PRO B 122 -19.80 -11.42 9.58
N ARG B 123 -20.55 -10.38 9.23
CA ARG B 123 -20.29 -9.56 8.07
C ARG B 123 -19.95 -8.18 8.61
N SER B 124 -18.75 -7.70 8.31
CA SER B 124 -18.25 -6.49 8.96
C SER B 124 -16.99 -6.03 8.24
N PHE B 125 -16.56 -4.83 8.58
CA PHE B 125 -15.44 -4.20 7.93
C PHE B 125 -14.47 -3.70 8.99
N ILE B 126 -13.20 -3.65 8.61
CA ILE B 126 -12.14 -3.09 9.45
C ILE B 126 -11.37 -2.08 8.61
N PHE B 127 -10.99 -0.98 9.25
CA PHE B 127 -10.09 0.01 8.67
C PHE B 127 -8.99 0.20 9.71
N LEU B 128 -7.78 -0.18 9.33
CA LEU B 128 -6.63 -0.31 10.23
C LEU B 128 -5.50 0.57 9.70
N TRP B 129 -5.03 1.49 10.53
CA TRP B 129 -3.97 2.41 10.15
C TRP B 129 -2.64 1.71 10.40
N CYS B 130 -1.88 1.48 9.35
CA CYS B 130 -0.68 0.65 9.47
C CYS B 130 0.60 1.44 9.42
N GLY B 131 0.54 2.75 9.23
CA GLY B 131 1.75 3.53 9.21
C GLY B 131 2.38 3.42 7.85
N SER B 132 3.69 3.36 7.79
CA SER B 132 4.36 3.29 6.50
C SER B 132 5.51 2.31 6.49
N GLY B 133 5.76 1.60 7.59
CA GLY B 133 6.88 0.67 7.65
C GLY B 133 6.44 -0.78 7.71
N GLU B 134 6.94 -1.48 8.72
CA GLU B 134 6.57 -2.89 8.92
C GLU B 134 5.07 -3.08 9.02
N GLY B 135 4.34 -2.06 9.54
CA GLY B 135 2.89 -2.15 9.57
C GLY B 135 2.26 -2.59 8.26
N LEU B 136 2.84 -2.20 7.12
CA LEU B 136 2.20 -2.58 5.86
C LEU B 136 2.18 -4.09 5.67
N ASP B 137 3.05 -4.82 6.37
CA ASP B 137 3.07 -6.28 6.35
C ASP B 137 2.42 -6.87 7.57
N LEU B 138 2.81 -6.39 8.76
CA LEU B 138 2.26 -6.92 10.00
C LEU B 138 0.75 -6.66 10.10
N GLY B 139 0.27 -5.52 9.59
CA GLY B 139 -1.17 -5.26 9.59
C GLY B 139 -1.94 -6.15 8.66
N ARG B 140 -1.31 -6.63 7.60
CA ARG B 140 -1.99 -7.64 6.79
C ARG B 140 -2.08 -8.97 7.55
N VAL B 141 -1.10 -9.24 8.41
CA VAL B 141 -1.17 -10.47 9.19
C VAL B 141 -2.28 -10.36 10.20
N CYS B 142 -2.48 -9.17 10.74
CA CYS B 142 -3.60 -8.95 11.65
C CYS B 142 -4.93 -9.17 10.94
N LEU B 143 -5.09 -8.56 9.76
CA LEU B 143 -6.36 -8.69 9.06
C LEU B 143 -6.70 -10.15 8.83
N ARG B 144 -5.69 -10.97 8.50
CA ARG B 144 -5.96 -12.39 8.26
C ARG B 144 -6.16 -13.12 9.58
N LYS B 145 -5.37 -12.76 10.60
CA LYS B 145 -5.54 -13.35 11.91
C LYS B 145 -6.95 -13.15 12.44
N TRP B 146 -7.59 -12.02 12.14
CA TRP B 146 -8.90 -11.70 12.70
C TRP B 146 -10.04 -12.11 11.78
N GLY B 147 -9.74 -12.55 10.56
CA GLY B 147 -10.74 -13.09 9.67
C GLY B 147 -11.07 -12.28 8.43
N TYR B 148 -10.37 -11.19 8.16
CA TYR B 148 -10.71 -10.37 7.01
C TYR B 148 -9.80 -10.67 5.83
N ARG B 149 -10.28 -10.29 4.64
CA ARG B 149 -9.47 -10.23 3.44
C ARG B 149 -9.39 -8.77 2.98
N ARG B 150 -8.22 -8.32 2.57
CA ARG B 150 -8.09 -6.91 2.23
C ARG B 150 -8.75 -6.64 0.88
N CYS B 151 -9.70 -5.71 0.83
CA CYS B 151 -10.21 -5.29 -0.46
C CYS B 151 -9.75 -3.91 -0.89
N GLU B 152 -9.32 -3.05 0.03
CA GLU B 152 -8.86 -1.73 -0.35
C GLU B 152 -7.62 -1.36 0.42
N ASP B 153 -6.77 -0.58 -0.24
CA ASP B 153 -5.58 0.01 0.35
C ASP B 153 -5.73 1.52 0.16
N ILE B 154 -5.90 2.24 1.25
CA ILE B 154 -6.22 3.66 1.24
C ILE B 154 -5.02 4.46 1.73
N CYS B 155 -4.47 5.33 0.88
CA CYS B 155 -3.22 6.03 1.16
C CYS B 155 -3.43 7.48 1.56
N TRP B 156 -2.85 7.86 2.69
CA TRP B 156 -2.80 9.24 3.14
C TRP B 156 -1.49 9.85 2.67
N ILE B 157 -1.53 10.56 1.56
CA ILE B 157 -0.35 11.22 1.02
C ILE B 157 -0.21 12.60 1.63
N LYS B 158 0.98 12.89 2.17
CA LYS B 158 1.23 14.10 2.96
C LYS B 158 2.07 15.08 2.15
N THR B 159 1.46 16.22 1.81
CA THR B 159 2.20 17.28 1.16
C THR B 159 3.02 18.08 2.18
N ASN B 160 4.05 18.74 1.68
CA ASN B 160 4.86 19.62 2.53
C ASN B 160 5.04 20.98 1.86
N LYS B 161 3.95 21.52 1.29
CA LYS B 161 4.01 22.83 0.64
C LYS B 161 4.46 23.92 1.60
N ASN B 162 4.28 23.68 2.90
CA ASN B 162 4.58 24.67 3.93
C ASN B 162 5.89 24.39 4.66
N ASN B 163 6.75 23.53 4.09
CA ASN B 163 8.11 23.31 4.58
C ASN B 163 8.85 22.33 3.68
N PRO B 164 9.31 22.78 2.50
CA PRO B 164 10.17 21.91 1.68
C PRO B 164 11.52 21.59 2.33
N THR B 167 12.72 18.33 4.26
CA THR B 167 13.79 17.55 4.87
C THR B 167 13.27 16.73 6.06
N LYS B 168 13.52 15.41 6.07
CA LYS B 168 13.07 14.54 7.15
C LYS B 168 14.02 13.36 7.33
N THR B 169 14.10 12.86 8.57
CA THR B 169 15.04 11.80 8.94
C THR B 169 14.41 10.42 8.82
N LEU B 170 15.18 9.47 8.26
CA LEU B 170 14.66 8.20 7.76
C LEU B 170 14.76 7.06 8.78
N ASP B 171 13.83 6.12 8.66
CA ASP B 171 13.97 4.83 9.33
C ASP B 171 15.18 4.09 8.76
N PRO B 172 15.97 3.44 9.61
CA PRO B 172 17.18 2.73 9.11
C PRO B 172 16.93 1.85 7.90
N LYS B 173 15.92 0.99 7.93
CA LYS B 173 15.65 0.12 6.79
C LYS B 173 15.21 0.89 5.54
N ALA B 174 14.81 2.15 5.69
CA ALA B 174 14.20 2.87 4.58
C ALA B 174 15.14 3.02 3.39
N VAL B 175 14.58 2.82 2.20
CA VAL B 175 15.24 3.15 0.96
C VAL B 175 14.88 4.56 0.49
N PHE B 176 13.66 5.00 0.74
CA PHE B 176 13.21 6.28 0.26
C PHE B 176 12.68 7.08 1.41
N GLN B 177 12.30 8.31 1.12
CA GLN B 177 11.70 9.17 2.11
C GLN B 177 10.22 8.84 2.19
N ARG B 178 9.73 8.62 3.40
CA ARG B 178 8.35 8.19 3.60
C ARG B 178 7.45 9.40 3.79
N THR B 179 6.54 9.58 2.83
CA THR B 179 5.65 10.74 2.81
C THR B 179 4.19 10.36 2.91
N LYS B 180 3.86 9.13 3.29
CA LYS B 180 2.48 8.66 3.27
C LYS B 180 2.24 7.70 4.42
N GLU B 181 0.98 7.42 4.68
CA GLU B 181 0.59 6.38 5.62
C GLU B 181 -0.48 5.55 4.95
N HIS B 182 -0.61 4.28 5.37
CA HIS B 182 -1.55 3.35 4.76
C HIS B 182 -2.66 3.00 5.76
N CYS B 183 -3.88 2.96 5.28
CA CYS B 183 -5.02 2.51 6.08
C CYS B 183 -5.66 1.35 5.35
N LEU B 184 -5.44 0.14 5.85
CA LEU B 184 -5.89 -1.08 5.16
C LEU B 184 -7.35 -1.35 5.45
N MET B 185 -8.09 -1.74 4.42
CA MET B 185 -9.52 -2.00 4.51
C MET B 185 -9.78 -3.50 4.38
N GLY B 186 -10.49 -4.06 5.34
CA GLY B 186 -10.72 -5.50 5.38
C GLY B 186 -12.19 -5.83 5.47
N ILE B 187 -12.57 -6.91 4.80
CA ILE B 187 -13.94 -7.39 4.80
C ILE B 187 -13.94 -8.84 5.26
N LYS B 188 -14.96 -9.22 6.02
CA LYS B 188 -15.21 -10.61 6.37
C LYS B 188 -16.68 -10.90 6.16
N GLY B 189 -16.97 -11.94 5.41
CA GLY B 189 -18.34 -12.32 5.16
C GLY B 189 -18.79 -11.97 3.75
N THR B 190 -20.10 -12.09 3.55
CA THR B 190 -20.71 -11.87 2.25
C THR B 190 -20.39 -10.49 1.62
N VAL B 204 -17.79 5.98 -5.47
CA VAL B 204 -17.70 7.45 -5.44
C VAL B 204 -16.33 7.95 -4.98
N ASP B 205 -15.79 7.35 -3.92
CA ASP B 205 -14.53 7.81 -3.33
C ASP B 205 -13.31 7.12 -3.96
N ILE B 206 -12.18 7.83 -3.94
CA ILE B 206 -10.90 7.33 -4.42
C ILE B 206 -10.22 6.66 -3.23
N ASP B 207 -9.13 5.93 -3.47
CA ASP B 207 -8.36 5.36 -2.38
C ASP B 207 -7.19 6.24 -1.95
N LEU B 208 -7.36 7.57 -2.01
CA LEU B 208 -6.31 8.52 -1.64
C LEU B 208 -6.86 9.65 -0.81
N ILE B 209 -6.14 10.01 0.23
CA ILE B 209 -6.39 11.24 0.99
C ILE B 209 -5.14 12.11 0.86
N ILE B 210 -5.28 13.34 0.38
CA ILE B 210 -4.16 14.28 0.30
C ILE B 210 -4.44 15.44 1.24
N THR B 211 -3.63 15.55 2.28
CA THR B 211 -3.58 16.72 3.11
C THR B 211 -2.12 17.05 3.35
N GLU B 212 -1.88 18.17 4.05
CA GLU B 212 -0.54 18.63 4.36
C GLU B 212 -0.05 17.94 5.63
N GLU B 213 1.23 17.57 5.63
CA GLU B 213 1.81 16.83 6.74
C GLU B 213 1.55 17.55 8.06
N PRO B 214 1.01 16.88 9.07
CA PRO B 214 0.71 17.57 10.33
C PRO B 214 1.98 17.99 11.04
N GLU B 215 1.81 18.90 12.00
CA GLU B 215 2.94 19.43 12.77
C GLU B 215 3.62 18.30 13.53
N ILE B 216 4.93 18.43 13.71
CA ILE B 216 5.71 17.36 14.32
C ILE B 216 5.07 16.96 15.65
N GLY B 217 4.91 15.65 15.85
CA GLY B 217 4.31 15.15 17.07
C GLY B 217 2.79 15.23 17.14
N ASN B 218 2.12 15.71 16.09
CA ASN B 218 0.67 15.59 15.99
C ASN B 218 0.36 14.27 15.30
N ILE B 219 -0.43 13.42 15.97
CA ILE B 219 -0.65 12.07 15.50
C ILE B 219 -2.03 11.90 14.84
N GLU B 220 -2.78 12.98 14.67
CA GLU B 220 -4.14 12.82 14.20
C GLU B 220 -4.13 12.30 12.77
N LYS B 221 -5.06 11.51 12.49
CA LYS B 221 -5.28 11.10 11.12
C LYS B 221 -6.35 11.98 10.49
N PRO B 222 -6.28 12.17 9.18
CA PRO B 222 -7.27 13.02 8.51
C PRO B 222 -8.69 12.53 8.76
N VAL B 223 -9.57 13.47 9.10
CA VAL B 223 -10.99 13.20 9.27
C VAL B 223 -11.61 12.68 7.99
N GLU B 224 -10.96 12.89 6.85
CA GLU B 224 -11.48 12.34 5.59
C GLU B 224 -11.72 10.85 5.67
N ILE B 225 -10.92 10.12 6.45
CA ILE B 225 -11.13 8.68 6.55
C ILE B 225 -12.55 8.39 7.03
N PHE B 226 -13.06 9.20 7.96
CA PHE B 226 -14.43 8.99 8.43
C PHE B 226 -15.43 9.21 7.31
N HIS B 227 -15.13 10.10 6.37
CA HIS B 227 -16.08 10.33 5.29
C HIS B 227 -16.07 9.16 4.34
N ILE B 228 -14.88 8.66 4.01
CA ILE B 228 -14.81 7.47 3.18
C ILE B 228 -15.59 6.31 3.82
N ILE B 229 -15.41 6.11 5.12
CA ILE B 229 -16.13 5.00 5.77
C ILE B 229 -17.63 5.22 5.71
N GLU B 230 -18.08 6.44 6.06
CA GLU B 230 -19.52 6.63 6.18
C GLU B 230 -20.21 6.54 4.83
N HIS B 231 -19.55 6.91 3.74
CA HIS B 231 -20.17 6.81 2.42
C HIS B 231 -20.22 5.39 1.89
N PHE B 232 -19.51 4.46 2.53
CA PHE B 232 -19.67 3.06 2.17
C PHE B 232 -21.02 2.50 2.59
N CYS B 233 -21.66 3.11 3.59
CA CYS B 233 -22.98 2.67 4.06
C CYS B 233 -22.95 1.20 4.49
N LEU B 234 -22.11 0.90 5.48
CA LEU B 234 -21.85 -0.47 5.88
C LEU B 234 -22.62 -0.89 7.13
N GLY B 235 -23.45 -0.03 7.68
CA GLY B 235 -24.13 -0.30 8.93
C GLY B 235 -23.81 0.73 9.99
N ARG B 236 -24.52 0.62 11.11
CA ARG B 236 -24.53 1.67 12.10
C ARG B 236 -23.76 1.35 13.37
N ARG B 237 -23.40 0.10 13.61
CA ARG B 237 -22.58 -0.20 14.78
C ARG B 237 -21.12 0.04 14.35
N ARG B 238 -20.58 1.21 14.73
CA ARG B 238 -19.29 1.71 14.28
C ARG B 238 -18.41 2.01 15.48
N LEU B 239 -17.25 1.36 15.54
CA LEU B 239 -16.38 1.37 16.71
C LEU B 239 -15.02 1.93 16.30
N HIS B 240 -14.47 2.82 17.12
CA HIS B 240 -13.15 3.41 16.88
C HIS B 240 -12.27 3.16 18.07
N LEU B 241 -11.36 2.21 17.94
CA LEU B 241 -10.49 1.84 19.05
C LEU B 241 -9.27 2.74 18.99
N PHE B 242 -8.90 3.29 20.14
CA PHE B 242 -7.79 4.24 20.25
C PHE B 242 -8.15 5.62 19.71
N GLY B 243 -9.42 5.97 19.66
CA GLY B 243 -9.81 7.35 19.46
C GLY B 243 -9.46 8.20 20.66
N ARG B 244 -9.73 9.50 20.54
CA ARG B 244 -9.39 10.47 21.57
C ARG B 244 -10.58 11.43 21.72
N ASP B 245 -10.52 12.33 22.71
CA ASP B 245 -11.55 13.36 22.82
C ASP B 245 -11.78 14.03 21.48
N SER B 246 -10.67 14.30 20.76
CA SER B 246 -10.67 15.02 19.50
C SER B 246 -11.28 14.25 18.34
N THR B 247 -11.57 12.97 18.50
CA THR B 247 -12.11 12.25 17.36
C THR B 247 -13.54 11.84 17.57
N ILE B 248 -14.09 12.04 18.76
CA ILE B 248 -15.47 11.66 19.05
C ILE B 248 -16.40 12.26 18.01
N ARG B 249 -17.46 11.57 17.69
CA ARG B 249 -18.11 11.87 16.45
C ARG B 249 -19.49 11.20 16.40
N PRO B 250 -20.52 11.86 15.88
CA PRO B 250 -21.83 11.18 15.81
C PRO B 250 -21.69 9.91 14.99
N GLY B 251 -22.59 8.98 15.25
CA GLY B 251 -22.52 7.73 14.53
C GLY B 251 -21.43 6.75 14.97
N TRP B 252 -20.68 7.04 16.02
CA TRP B 252 -19.50 6.27 16.36
C TRP B 252 -19.42 6.06 17.86
N LEU B 253 -18.86 4.91 18.23
CA LEU B 253 -18.44 4.62 19.60
C LEU B 253 -16.92 4.63 19.63
N THR B 254 -16.38 5.49 20.46
CA THR B 254 -14.95 5.63 20.64
C THR B 254 -14.51 5.02 21.95
N VAL B 255 -13.44 4.23 21.91
CA VAL B 255 -12.82 3.64 23.11
C VAL B 255 -11.32 3.93 23.08
N GLY B 256 -10.79 4.45 24.19
CA GLY B 256 -9.39 4.77 24.22
C GLY B 256 -8.84 5.07 25.59
N PRO B 257 -7.54 4.86 25.76
CA PRO B 257 -6.91 5.17 27.04
C PRO B 257 -6.95 6.63 27.42
N THR B 258 -6.97 7.55 26.45
CA THR B 258 -6.79 8.95 26.78
C THR B 258 -8.09 9.75 26.88
N LEU B 259 -9.24 9.14 26.56
CA LEU B 259 -10.52 9.83 26.76
C LEU B 259 -10.64 10.37 28.17
N THR B 260 -11.15 11.59 28.31
CA THR B 260 -11.24 12.16 29.65
C THR B 260 -12.60 11.93 30.29
N ASN B 261 -13.62 11.58 29.52
CA ASN B 261 -14.95 11.30 30.03
C ASN B 261 -15.50 10.05 29.35
N SER B 262 -16.49 9.43 29.99
CA SER B 262 -17.20 8.32 29.36
C SER B 262 -18.71 8.57 29.45
N ASN B 263 -19.42 7.96 28.52
CA ASN B 263 -20.88 7.95 28.54
C ASN B 263 -21.39 6.60 28.08
N TYR B 264 -20.51 5.63 27.85
CA TYR B 264 -20.91 4.35 27.29
C TYR B 264 -21.76 3.57 28.25
N ASN B 265 -22.84 3.00 27.73
CA ASN B 265 -23.64 2.03 28.48
C ASN B 265 -24.19 1.03 27.47
N ALA B 266 -23.81 -0.24 27.66
CA ALA B 266 -24.06 -1.27 26.66
C ALA B 266 -25.54 -1.43 26.37
N GLU B 267 -26.38 -1.28 27.40
CA GLU B 267 -27.82 -1.42 27.15
C GLU B 267 -28.35 -0.20 26.41
N THR B 268 -27.96 1.00 26.83
CA THR B 268 -28.28 2.21 26.08
C THR B 268 -27.79 2.10 24.63
N TYR B 269 -26.57 1.58 24.44
CA TYR B 269 -26.01 1.51 23.10
C TYR B 269 -26.76 0.50 22.24
N ALA B 270 -27.02 -0.69 22.77
CA ALA B 270 -27.76 -1.70 22.01
C ALA B 270 -29.16 -1.22 21.70
N SER B 271 -29.71 -0.36 22.56
CA SER B 271 -31.04 0.17 22.31
C SER B 271 -31.13 0.97 21.02
N TYR B 272 -30.03 1.59 20.57
CA TYR B 272 -30.13 2.34 19.31
C TYR B 272 -30.33 1.44 18.11
N PHE B 273 -30.10 0.14 18.24
CA PHE B 273 -30.14 -0.76 17.10
C PHE B 273 -31.22 -1.80 17.21
N SER B 274 -32.02 -1.78 18.28
CA SER B 274 -33.11 -2.73 18.42
C SER B 274 -34.12 -2.51 17.31
N ALA B 275 -34.90 -3.55 17.02
CA ALA B 275 -35.87 -3.51 15.93
C ALA B 275 -36.73 -2.27 16.09
N PRO B 276 -37.10 -1.58 14.99
CA PRO B 276 -36.88 -2.04 13.61
C PRO B 276 -35.65 -1.46 12.90
N ASN B 277 -34.56 -1.20 13.61
CA ASN B 277 -33.41 -0.47 13.06
C ASN B 277 -32.17 -1.33 12.92
N SER B 278 -32.31 -2.66 13.08
CA SER B 278 -31.17 -3.56 13.19
C SER B 278 -30.33 -3.69 11.91
N TYR B 279 -30.90 -3.41 10.74
CA TYR B 279 -30.19 -3.66 9.48
C TYR B 279 -29.95 -2.39 8.66
N LEU B 280 -30.12 -1.21 9.25
CA LEU B 280 -29.98 0.02 8.51
C LEU B 280 -28.55 0.17 7.99
N THR B 281 -28.40 0.54 6.71
CA THR B 281 -27.07 0.76 6.17
C THR B 281 -26.39 1.97 6.79
N GLY B 282 -27.16 2.85 7.42
CA GLY B 282 -26.66 4.16 7.78
C GLY B 282 -26.85 5.22 6.72
N CYS B 283 -27.49 4.88 5.59
CA CYS B 283 -27.66 5.80 4.47
C CYS B 283 -29.11 5.92 3.99
N THR B 284 -30.07 5.45 4.79
CA THR B 284 -31.48 5.57 4.46
C THR B 284 -32.19 6.41 5.53
N GLU B 285 -33.48 6.61 5.36
CA GLU B 285 -34.24 7.40 6.33
C GLU B 285 -34.47 6.58 7.61
N GLU B 286 -34.57 7.27 8.74
CA GLU B 286 -34.96 6.59 9.97
C GLU B 286 -36.40 6.11 9.85
N ILE B 287 -36.64 4.85 10.25
CA ILE B 287 -37.97 4.28 10.13
C ILE B 287 -38.93 5.04 11.04
N GLU B 288 -40.12 5.38 10.51
CA GLU B 288 -41.06 6.26 11.20
C GLU B 288 -41.54 5.69 12.54
#